data_8Z9V
#
_entry.id   8Z9V
#
_cell.length_a   1.00
_cell.length_b   1.00
_cell.length_c   1.00
_cell.angle_alpha   90.00
_cell.angle_beta   90.00
_cell.angle_gamma   90.00
#
_symmetry.space_group_name_H-M   'P 1'
#
loop_
_entity.id
_entity.type
_entity.pdbx_description
1 polymer 'Amyloid-beta protein 42'
2 polymer Transthyretin
#
loop_
_entity_poly.entity_id
_entity_poly.type
_entity_poly.pdbx_seq_one_letter_code
_entity_poly.pdbx_strand_id
1 'polypeptide(L)' DSGYEVHHQKLVFFAEDVGSNKGAIIGLMVGGVVIA e
2 'polypeptide(L)'
;GPTGTGESKRPLMVKVLDAVRGSPAINVAVHVFRKAADDTWEPFASGKTSESGELHGLTTEEEFVEGIYKVEIDTKSYWK
ALGISPFHEHAEVVFTANDSGPRRYTIAALLSPYSYSTTAVVTNPKE
;
b,A
#
# COMPACT_ATOMS: atom_id res chain seq x y z
N ASP A 1 -27.66 0.64 -7.72
CA ASP A 1 -26.39 1.25 -7.32
C ASP A 1 -25.33 0.18 -7.09
N SER A 2 -24.07 0.63 -6.98
CA SER A 2 -22.96 -0.28 -6.77
C SER A 2 -21.86 0.45 -6.02
N GLY A 3 -20.78 -0.29 -5.74
CA GLY A 3 -19.64 0.27 -5.06
C GLY A 3 -18.76 1.16 -5.92
N TYR A 4 -19.00 1.19 -7.23
CA TYR A 4 -18.19 1.99 -8.12
C TYR A 4 -18.73 3.40 -8.33
N GLU A 5 -19.49 3.91 -7.35
CA GLU A 5 -19.73 5.34 -7.16
C GLU A 5 -18.47 6.09 -6.76
N VAL A 6 -17.42 5.36 -6.36
CA VAL A 6 -16.07 5.92 -6.24
C VAL A 6 -15.57 6.41 -7.60
N HIS A 7 -16.07 5.82 -8.68
CA HIS A 7 -15.77 6.30 -10.01
C HIS A 7 -16.68 7.45 -10.41
N HIS A 8 -17.70 7.74 -9.61
CA HIS A 8 -18.44 8.98 -9.80
C HIS A 8 -17.72 10.15 -9.15
N GLN A 9 -16.67 9.86 -8.38
CA GLN A 9 -15.66 10.88 -8.12
C GLN A 9 -14.81 11.10 -9.35
N LYS A 10 -14.59 10.04 -10.13
CA LYS A 10 -13.75 10.08 -11.31
C LYS A 10 -14.45 10.65 -12.54
N LEU A 11 -15.45 11.51 -12.34
CA LEU A 11 -15.99 12.45 -13.31
C LEU A 11 -15.05 13.64 -13.44
N VAL A 12 -15.63 14.80 -13.77
CA VAL A 12 -15.07 16.17 -13.76
C VAL A 12 -13.93 16.37 -12.76
N PHE A 13 -14.09 15.83 -11.56
CA PHE A 13 -13.06 15.83 -10.55
C PHE A 13 -12.05 14.70 -10.78
N PHE A 14 -11.33 14.74 -11.92
CA PHE A 14 -10.19 13.86 -12.20
C PHE A 14 -9.38 14.36 -13.41
N ALA A 15 -8.05 14.50 -13.24
CA ALA A 15 -7.16 14.81 -14.35
C ALA A 15 -5.74 14.36 -14.03
N GLU A 16 -5.33 13.19 -14.56
CA GLU A 16 -3.96 12.68 -14.45
C GLU A 16 -3.76 11.49 -15.38
N ASP A 17 -2.58 11.34 -15.99
CA ASP A 17 -2.30 10.23 -16.91
C ASP A 17 -0.82 9.93 -17.12
N VAL A 18 -0.46 8.65 -17.00
CA VAL A 18 0.91 8.16 -17.25
C VAL A 18 0.79 6.74 -17.81
N GLY A 19 1.60 6.40 -18.81
CA GLY A 19 1.52 5.06 -19.36
C GLY A 19 2.72 4.69 -20.21
N SER A 20 2.77 3.39 -20.55
CA SER A 20 3.82 2.78 -21.36
C SER A 20 3.29 1.46 -21.92
N ASN A 21 3.34 1.28 -23.23
CA ASN A 21 2.71 0.12 -23.89
C ASN A 21 3.47 -0.25 -25.15
N LYS A 22 2.77 -0.98 -26.04
CA LYS A 22 3.12 -1.30 -27.43
C LYS A 22 4.21 -2.34 -27.56
N GLY A 23 4.29 -3.30 -26.64
CA GLY A 23 5.23 -4.39 -26.79
C GLY A 23 4.71 -5.56 -27.61
N ALA A 24 3.39 -5.77 -27.63
CA ALA A 24 2.82 -6.88 -28.39
C ALA A 24 2.81 -6.59 -29.88
N ILE A 25 2.63 -5.33 -30.26
CA ILE A 25 2.68 -4.95 -31.66
C ILE A 25 4.12 -5.02 -32.19
N ILE A 26 5.11 -4.90 -31.29
CA ILE A 26 6.50 -5.17 -31.64
C ILE A 26 6.64 -6.60 -32.09
N GLY A 27 6.08 -7.54 -31.33
CA GLY A 27 6.02 -8.92 -31.77
C GLY A 27 5.12 -9.13 -32.98
N LEU A 28 4.08 -8.32 -33.12
CA LEU A 28 3.24 -8.42 -34.31
C LEU A 28 3.91 -7.81 -35.53
N MET A 29 4.94 -7.01 -35.33
CA MET A 29 5.72 -6.48 -36.43
C MET A 29 7.00 -7.26 -36.66
N VAL A 30 7.55 -7.87 -35.60
CA VAL A 30 8.44 -9.00 -35.82
C VAL A 30 7.68 -10.10 -36.55
N GLY A 31 6.43 -10.32 -36.17
CA GLY A 31 5.47 -11.12 -36.89
C GLY A 31 4.83 -10.45 -38.08
N GLY A 32 5.34 -9.30 -38.50
CA GLY A 32 4.91 -8.71 -39.75
C GLY A 32 5.48 -9.39 -40.98
N VAL A 33 6.40 -10.34 -40.78
CA VAL A 33 6.97 -11.05 -41.92
C VAL A 33 6.13 -12.26 -42.33
N VAL A 34 5.58 -13.01 -41.38
CA VAL A 34 4.83 -14.23 -41.66
C VAL A 34 3.57 -14.23 -40.80
N ILE A 35 2.40 -14.22 -41.45
CA ILE A 35 1.14 -14.35 -40.73
C ILE A 35 0.27 -15.46 -41.29
N ALA A 36 0.54 -15.92 -42.51
CA ALA A 36 -0.24 -17.00 -43.09
C ALA A 36 0.41 -18.33 -42.78
N GLY B 1 18.46 7.46 -10.29
CA GLY B 1 18.93 8.53 -11.14
C GLY B 1 20.04 9.35 -10.50
N PRO B 2 19.76 10.62 -10.23
CA PRO B 2 20.77 11.49 -9.59
C PRO B 2 20.93 11.07 -8.13
N THR B 3 21.99 10.33 -7.86
CA THR B 3 22.27 9.85 -6.52
C THR B 3 22.87 10.98 -5.71
N GLY B 4 22.41 11.13 -4.48
CA GLY B 4 22.89 12.18 -3.62
C GLY B 4 22.15 13.48 -3.85
N THR B 5 22.38 14.11 -5.00
CA THR B 5 21.84 15.43 -5.25
C THR B 5 21.33 15.51 -6.68
N GLY B 6 20.09 15.96 -6.82
CA GLY B 6 19.51 16.17 -8.14
C GLY B 6 18.09 16.67 -8.01
N GLU B 7 17.48 16.92 -9.17
CA GLU B 7 16.22 17.63 -9.22
C GLU B 7 15.26 16.92 -10.16
N SER B 8 15.08 15.61 -9.91
CA SER B 8 14.16 14.82 -10.72
C SER B 8 12.71 15.16 -10.38
N LYS B 9 12.41 15.24 -9.10
CA LYS B 9 11.05 15.46 -8.60
C LYS B 9 10.77 16.94 -8.40
N ARG B 10 11.71 17.80 -8.81
CA ARG B 10 11.80 19.22 -8.50
C ARG B 10 11.60 19.46 -7.00
N PRO B 11 12.56 19.12 -6.14
CA PRO B 11 12.37 19.39 -4.71
C PRO B 11 12.36 20.87 -4.35
N LEU B 12 13.28 21.70 -4.88
CA LEU B 12 13.31 23.11 -4.46
C LEU B 12 13.97 24.00 -5.52
N MET B 13 13.17 24.84 -6.19
CA MET B 13 13.70 25.89 -7.06
C MET B 13 12.66 27.01 -7.16
N VAL B 14 12.91 28.13 -6.47
CA VAL B 14 11.91 29.18 -6.38
C VAL B 14 12.57 30.49 -5.98
N LYS B 15 11.85 31.60 -6.17
CA LYS B 15 12.25 32.91 -5.70
C LYS B 15 11.56 33.21 -4.36
N VAL B 16 12.35 33.65 -3.38
CA VAL B 16 11.90 33.83 -2.01
C VAL B 16 12.01 35.32 -1.65
N LEU B 17 11.14 35.80 -0.76
CA LEU B 17 11.31 37.07 -0.08
C LEU B 17 11.41 36.85 1.43
N ASP B 18 12.04 37.80 2.12
CA ASP B 18 12.24 37.76 3.57
C ASP B 18 11.31 38.75 4.25
N ALA B 19 10.90 38.43 5.48
CA ALA B 19 10.07 39.35 6.25
C ALA B 19 10.87 40.51 6.80
N VAL B 20 12.06 40.25 7.34
CA VAL B 20 12.85 41.31 7.94
C VAL B 20 14.02 41.72 7.05
N ARG B 21 14.41 40.91 6.07
CA ARG B 21 15.49 41.30 5.17
C ARG B 21 15.00 41.73 3.79
N GLY B 22 13.81 41.32 3.37
CA GLY B 22 13.32 41.64 2.04
C GLY B 22 14.11 41.02 0.92
N SER B 23 14.67 39.85 1.13
CA SER B 23 15.58 39.24 0.18
C SER B 23 15.27 37.76 0.09
N PRO B 24 15.82 37.02 -0.87
CA PRO B 24 15.73 35.56 -0.82
C PRO B 24 16.45 34.98 0.39
N ALA B 25 16.11 33.74 0.71
CA ALA B 25 16.59 33.10 1.94
C ALA B 25 18.06 32.76 1.79
N ILE B 26 18.92 33.66 2.25
CA ILE B 26 20.35 33.57 2.00
C ILE B 26 20.96 32.62 3.03
N ASN B 27 21.41 31.45 2.56
CA ASN B 27 22.23 30.49 3.31
C ASN B 27 21.54 30.03 4.59
N VAL B 28 20.31 29.55 4.45
CA VAL B 28 19.54 29.20 5.63
C VAL B 28 20.03 27.88 6.19
N ALA B 29 20.54 27.91 7.41
CA ALA B 29 20.85 26.68 8.11
C ALA B 29 19.54 25.99 8.48
N VAL B 30 19.44 24.72 8.12
CA VAL B 30 18.17 24.02 7.98
C VAL B 30 18.05 22.97 9.08
N HIS B 31 16.93 22.99 9.80
CA HIS B 31 16.50 21.89 10.65
C HIS B 31 15.16 21.38 10.17
N VAL B 32 15.11 20.12 9.76
CA VAL B 32 13.93 19.53 9.16
C VAL B 32 13.05 18.95 10.25
N PHE B 33 11.77 19.32 10.24
CA PHE B 33 10.84 18.90 11.27
C PHE B 33 9.71 18.07 10.66
N ARG B 34 9.16 17.17 11.46
CA ARG B 34 8.21 16.16 10.99
C ARG B 34 6.93 16.23 11.82
N LYS B 35 5.81 16.41 11.14
CA LYS B 35 4.51 16.54 11.80
C LYS B 35 4.06 15.20 12.35
N ALA B 36 3.70 15.16 13.63
CA ALA B 36 3.17 13.96 14.26
C ALA B 36 1.67 14.11 14.48
N ALA B 37 1.05 13.12 15.11
CA ALA B 37 -0.39 13.15 15.33
C ALA B 37 -0.78 14.03 16.50
N ASP B 38 0.12 14.24 17.46
CA ASP B 38 -0.11 15.14 18.58
C ASP B 38 0.52 16.50 18.31
N ASP B 39 0.64 16.82 17.01
CA ASP B 39 0.91 18.12 16.41
C ASP B 39 2.34 18.62 16.57
N THR B 40 3.18 17.96 17.36
CA THR B 40 4.52 18.42 17.63
C THR B 40 5.50 17.84 16.63
N TRP B 41 6.65 18.50 16.48
CA TRP B 41 7.60 18.20 15.42
C TRP B 41 8.97 18.00 16.07
N GLU B 42 9.79 17.14 15.46
CA GLU B 42 11.12 16.79 15.93
C GLU B 42 12.16 17.10 14.86
N PRO B 43 13.37 17.52 15.25
CA PRO B 43 14.40 17.84 14.23
C PRO B 43 14.94 16.58 13.55
N PHE B 44 15.47 16.77 12.33
CA PHE B 44 16.02 15.66 11.55
C PHE B 44 17.50 15.80 11.28
N ALA B 45 17.96 16.88 10.66
CA ALA B 45 19.37 17.00 10.26
C ALA B 45 19.74 18.48 10.12
N SER B 46 20.90 18.73 9.53
CA SER B 46 21.46 20.08 9.47
C SER B 46 22.03 20.33 8.08
N GLY B 47 22.13 21.61 7.74
CA GLY B 47 22.59 22.02 6.43
C GLY B 47 22.75 23.52 6.39
N LYS B 48 22.83 24.05 5.16
CA LYS B 48 22.84 25.50 4.90
C LYS B 48 22.46 25.73 3.45
N THR B 49 21.41 26.54 3.22
CA THR B 49 20.85 26.69 1.87
C THR B 49 21.75 27.53 0.97
N SER B 50 21.19 27.85 -0.20
CA SER B 50 21.81 28.77 -1.13
C SER B 50 21.37 30.19 -0.78
N GLU B 51 21.70 31.14 -1.66
CA GLU B 51 21.19 32.50 -1.51
C GLU B 51 19.69 32.56 -1.73
N SER B 52 19.17 31.71 -2.62
CA SER B 52 17.76 31.65 -2.94
C SER B 52 17.00 30.64 -2.09
N GLY B 53 17.59 30.17 -1.00
CA GLY B 53 16.90 29.29 -0.09
C GLY B 53 16.92 27.83 -0.47
N GLU B 54 17.86 27.42 -1.31
CA GLU B 54 17.85 26.07 -1.84
C GLU B 54 18.95 25.22 -1.20
N LEU B 55 18.53 24.10 -0.62
CA LEU B 55 19.41 23.12 0.00
C LEU B 55 19.00 21.74 -0.48
N HIS B 56 19.97 20.97 -0.97
CA HIS B 56 19.73 19.67 -1.56
C HIS B 56 20.80 18.71 -1.10
N GLY B 57 20.52 17.42 -1.20
CA GLY B 57 21.50 16.42 -0.87
C GLY B 57 21.77 16.24 0.60
N LEU B 58 20.76 16.37 1.45
CA LEU B 58 20.92 15.98 2.84
C LEU B 58 21.13 14.48 2.96
N THR B 59 20.36 13.69 2.21
CA THR B 59 20.59 12.27 2.03
C THR B 59 20.58 11.99 0.53
N THR B 60 20.69 10.72 0.17
CA THR B 60 20.56 10.26 -1.22
C THR B 60 19.12 10.44 -1.65
N GLU B 61 18.91 10.86 -2.91
CA GLU B 61 17.59 11.28 -3.35
C GLU B 61 16.58 10.14 -3.38
N GLU B 62 17.00 8.96 -3.83
CA GLU B 62 16.08 7.84 -3.95
C GLU B 62 16.24 6.83 -2.82
N GLU B 63 17.42 6.76 -2.21
CA GLU B 63 17.61 5.87 -1.06
C GLU B 63 16.90 6.41 0.17
N PHE B 64 16.67 7.71 0.26
CA PHE B 64 15.85 8.29 1.32
C PHE B 64 14.42 7.82 1.13
N VAL B 65 13.93 7.08 2.11
CA VAL B 65 12.56 6.57 2.07
C VAL B 65 11.59 7.73 2.31
N GLU B 66 10.44 7.67 1.64
CA GLU B 66 9.48 8.75 1.70
C GLU B 66 8.75 8.78 3.04
N GLY B 67 8.14 9.91 3.34
CA GLY B 67 7.40 10.06 4.58
C GLY B 67 7.11 11.52 4.86
N ILE B 68 6.86 11.80 6.13
CA ILE B 68 6.59 13.16 6.58
C ILE B 68 7.95 13.84 6.75
N TYR B 69 8.47 14.39 5.65
CA TYR B 69 9.77 15.02 5.65
C TYR B 69 9.71 16.25 4.77
N LYS B 70 10.75 17.08 4.85
CA LYS B 70 10.62 18.50 4.55
C LYS B 70 11.97 19.06 4.14
N VAL B 71 11.96 20.14 3.38
CA VAL B 71 13.12 21.02 3.26
C VAL B 71 12.71 22.34 3.89
N GLU B 72 12.92 22.48 5.19
CA GLU B 72 12.36 23.60 5.93
C GLU B 72 13.35 24.75 5.98
N ILE B 73 12.86 25.96 5.78
CA ILE B 73 13.63 27.17 6.00
C ILE B 73 13.43 27.53 7.48
N ASP B 74 14.26 26.96 8.36
CA ASP B 74 13.98 26.92 9.79
C ASP B 74 14.38 28.23 10.46
N THR B 75 13.50 28.76 11.29
CA THR B 75 13.80 30.01 11.96
C THR B 75 14.75 29.82 13.12
N LYS B 76 14.71 28.64 13.76
CA LYS B 76 15.50 28.44 14.97
C LYS B 76 16.99 28.38 14.70
N SER B 77 17.41 27.64 13.68
CA SER B 77 18.83 27.43 13.46
C SER B 77 19.45 28.45 12.50
N TYR B 78 18.66 29.02 11.59
CA TYR B 78 19.20 30.03 10.71
C TYR B 78 19.42 31.35 11.44
N TRP B 79 18.39 31.83 12.13
CA TRP B 79 18.50 33.11 12.81
C TRP B 79 19.39 33.05 14.04
N LYS B 80 19.77 31.85 14.49
CA LYS B 80 20.83 31.71 15.49
C LYS B 80 22.17 32.18 14.94
N ALA B 81 22.42 31.96 13.65
CA ALA B 81 23.67 32.40 13.04
C ALA B 81 23.77 33.93 12.94
N LEU B 82 22.65 34.63 13.04
CA LEU B 82 22.64 36.09 13.07
C LEU B 82 22.54 36.65 14.49
N GLY B 83 22.37 35.81 15.49
CA GLY B 83 22.39 36.25 16.87
C GLY B 83 21.10 36.81 17.41
N ILE B 84 20.00 36.69 16.67
CA ILE B 84 18.70 37.15 17.13
C ILE B 84 17.88 35.94 17.56
N SER B 85 16.99 36.16 18.53
CA SER B 85 16.27 35.06 19.18
C SER B 85 15.08 34.64 18.32
N PRO B 86 14.97 33.38 17.93
CA PRO B 86 13.79 32.89 17.22
C PRO B 86 12.79 32.30 18.19
N PHE B 87 11.58 32.02 17.71
CA PHE B 87 10.58 31.30 18.47
C PHE B 87 10.09 30.04 17.77
N HIS B 88 9.90 30.08 16.46
CA HIS B 88 9.37 28.91 15.76
C HIS B 88 10.50 27.99 15.33
N GLU B 89 10.89 27.09 16.24
CA GLU B 89 11.62 25.90 15.84
C GLU B 89 10.75 24.99 14.99
N HIS B 90 9.46 24.94 15.31
CA HIS B 90 8.44 24.45 14.39
C HIS B 90 7.13 25.12 14.78
N ALA B 91 6.10 24.89 13.98
CA ALA B 91 4.80 25.48 14.21
C ALA B 91 3.74 24.40 14.08
N GLU B 92 2.91 24.27 15.11
CA GLU B 92 1.85 23.28 15.15
C GLU B 92 0.69 23.77 14.30
N VAL B 93 0.79 23.62 12.98
CA VAL B 93 -0.28 23.97 12.06
C VAL B 93 -0.67 22.73 11.27
N VAL B 94 -1.90 22.73 10.75
CA VAL B 94 -2.43 21.64 9.95
C VAL B 94 -2.03 21.88 8.49
N PHE B 95 -1.90 20.79 7.74
CA PHE B 95 -1.65 20.87 6.31
C PHE B 95 -2.30 19.66 5.66
N THR B 96 -2.92 19.89 4.51
CA THR B 96 -3.65 18.85 3.80
C THR B 96 -3.13 18.75 2.38
N ALA B 97 -3.04 17.52 1.86
CA ALA B 97 -2.57 17.26 0.51
C ALA B 97 -3.11 15.91 0.03
N ASN B 98 -2.93 15.66 -1.28
CA ASN B 98 -3.07 14.35 -1.91
C ASN B 98 -4.48 13.77 -1.75
N ASP B 99 -5.45 14.45 -2.35
CA ASP B 99 -6.79 13.89 -2.45
C ASP B 99 -6.92 13.00 -3.68
N SER B 100 -6.42 13.45 -4.82
CA SER B 100 -6.48 12.66 -6.04
C SER B 100 -5.21 12.81 -6.85
N GLY B 101 -4.06 12.80 -6.19
CA GLY B 101 -2.79 12.82 -6.89
C GLY B 101 -1.81 13.87 -6.38
N PRO B 102 -0.51 13.57 -6.48
CA PRO B 102 0.50 14.46 -5.90
C PRO B 102 0.91 15.57 -6.88
N ARG B 103 1.20 16.74 -6.32
CA ARG B 103 1.75 17.87 -7.07
C ARG B 103 3.08 18.30 -6.46
N ARG B 104 3.66 19.34 -7.05
CA ARG B 104 4.98 19.83 -6.67
C ARG B 104 4.88 21.21 -6.02
N TYR B 105 4.75 21.24 -4.70
CA TYR B 105 5.06 22.43 -3.91
C TYR B 105 5.62 21.99 -2.57
N THR B 106 6.86 22.39 -2.29
CA THR B 106 7.58 22.03 -1.08
C THR B 106 7.61 23.25 -0.17
N ILE B 107 7.67 23.03 1.15
CA ILE B 107 7.51 24.11 2.13
C ILE B 107 8.79 24.92 2.25
N ALA B 108 8.90 25.99 1.47
CA ALA B 108 9.93 27.00 1.64
C ALA B 108 9.39 28.07 2.56
N ALA B 109 9.91 28.10 3.79
CA ALA B 109 9.26 28.83 4.87
C ALA B 109 9.57 30.32 4.78
N LEU B 110 8.67 31.13 5.36
CA LEU B 110 8.89 32.56 5.51
C LEU B 110 10.02 32.80 6.49
N LEU B 111 11.08 33.43 6.01
CA LEU B 111 12.10 33.91 6.92
C LEU B 111 11.54 35.08 7.73
N SER B 112 11.02 34.77 8.90
CA SER B 112 10.85 35.74 9.96
C SER B 112 11.64 35.20 11.12
N PRO B 113 12.12 36.07 12.02
CA PRO B 113 12.92 35.57 13.15
C PRO B 113 12.14 34.65 14.09
N TYR B 114 11.03 35.11 14.64
CA TYR B 114 10.29 34.32 15.61
C TYR B 114 9.33 33.33 14.96
N SER B 115 9.01 33.49 13.68
CA SER B 115 7.93 32.69 13.12
C SER B 115 8.22 32.35 11.67
N TYR B 116 7.33 31.56 11.09
CA TYR B 116 7.38 31.27 9.67
C TYR B 116 5.99 30.91 9.15
N SER B 117 5.62 31.57 8.05
CA SER B 117 4.65 31.05 7.10
C SER B 117 5.45 30.44 5.96
N THR B 118 4.79 30.16 4.84
CA THR B 118 5.47 29.54 3.71
C THR B 118 5.56 30.53 2.56
N THR B 119 6.79 30.79 2.10
CA THR B 119 7.04 31.76 1.03
C THR B 119 7.65 31.11 -0.19
N ALA B 120 6.95 31.21 -1.33
CA ALA B 120 7.40 30.69 -2.60
C ALA B 120 6.60 31.33 -3.73
N VAL B 121 7.25 31.53 -4.87
CA VAL B 121 6.60 31.93 -6.11
C VAL B 121 5.87 30.71 -6.66
N VAL B 122 4.55 30.79 -6.75
CA VAL B 122 3.71 29.62 -6.97
C VAL B 122 3.75 29.21 -8.43
N THR B 123 3.81 27.90 -8.67
CA THR B 123 3.81 27.33 -10.01
C THR B 123 2.58 26.45 -10.22
N ASN B 124 2.11 26.40 -11.49
CA ASN B 124 0.93 25.66 -11.92
C ASN B 124 1.18 24.15 -11.94
N PRO B 125 0.13 23.33 -11.98
CA PRO B 125 0.33 21.88 -12.19
C PRO B 125 0.97 21.58 -13.53
N LYS B 126 2.20 21.05 -13.47
CA LYS B 126 3.09 20.95 -14.63
C LYS B 126 3.98 19.73 -14.41
N GLU B 127 4.17 18.92 -15.44
CA GLU B 127 5.09 17.81 -15.33
C GLU B 127 6.35 18.10 -16.15
N GLY C 1 -14.86 -42.39 -9.77
CA GLY C 1 -13.91 -43.06 -8.91
C GLY C 1 -14.33 -43.10 -7.45
N PRO C 2 -13.59 -42.41 -6.58
CA PRO C 2 -13.96 -42.39 -5.16
C PRO C 2 -15.19 -41.52 -4.97
N THR C 3 -16.34 -42.18 -4.83
CA THR C 3 -17.59 -41.48 -4.64
C THR C 3 -17.70 -41.01 -3.21
N GLY C 4 -18.16 -39.77 -3.04
CA GLY C 4 -18.28 -39.20 -1.72
C GLY C 4 -16.97 -38.59 -1.24
N THR C 5 -15.98 -39.44 -0.95
CA THR C 5 -14.76 -38.96 -0.35
C THR C 5 -13.56 -39.66 -0.99
N GLY C 6 -12.60 -38.87 -1.42
CA GLY C 6 -11.38 -39.41 -1.98
C GLY C 6 -10.46 -38.30 -2.41
N GLU C 7 -9.29 -38.70 -2.91
CA GLU C 7 -8.20 -37.76 -3.13
C GLU C 7 -7.59 -38.01 -4.51
N SER C 8 -8.44 -38.03 -5.53
CA SER C 8 -7.98 -38.21 -6.89
C SER C 8 -7.28 -36.96 -7.41
N LYS C 9 -7.89 -35.80 -7.18
CA LYS C 9 -7.40 -34.53 -7.68
C LYS C 9 -6.48 -33.85 -6.69
N ARG C 10 -6.16 -34.54 -5.59
CA ARG C 10 -5.52 -34.04 -4.38
C ARG C 10 -6.21 -32.76 -3.91
N PRO C 11 -7.43 -32.82 -3.35
CA PRO C 11 -8.05 -31.59 -2.87
C PRO C 11 -7.36 -30.97 -1.65
N LEU C 12 -6.98 -31.74 -0.62
CA LEU C 12 -6.38 -31.12 0.57
C LEU C 12 -5.51 -32.10 1.34
N MET C 13 -4.19 -31.89 1.31
CA MET C 13 -3.26 -32.61 2.19
C MET C 13 -2.00 -31.77 2.38
N VAL C 14 -1.86 -31.16 3.55
CA VAL C 14 -0.79 -30.19 3.78
C VAL C 14 -0.56 -30.01 5.28
N LYS C 15 0.59 -29.44 5.62
CA LYS C 15 0.91 -29.02 6.98
C LYS C 15 0.60 -27.55 7.17
N VAL C 16 -0.13 -27.23 8.24
CA VAL C 16 -0.65 -25.88 8.49
C VAL C 16 -0.01 -25.34 9.77
N LEU C 17 0.14 -24.02 9.86
CA LEU C 17 0.42 -23.33 11.10
C LEU C 17 -0.71 -22.34 11.42
N ASP C 18 -0.86 -22.01 12.70
CA ASP C 18 -1.88 -21.09 13.19
C ASP C 18 -1.24 -19.76 13.56
N ALA C 19 -2.01 -18.67 13.42
CA ALA C 19 -1.51 -17.36 13.83
C ALA C 19 -1.54 -17.20 15.34
N VAL C 20 -2.62 -17.63 16.00
CA VAL C 20 -2.72 -17.44 17.44
C VAL C 20 -2.49 -18.73 18.20
N ARG C 21 -2.56 -19.89 17.55
CA ARG C 21 -2.28 -21.15 18.24
C ARG C 21 -0.93 -21.75 17.90
N GLY C 22 -0.34 -21.39 16.75
CA GLY C 22 0.93 -21.97 16.33
C GLY C 22 0.86 -23.46 16.03
N SER C 23 -0.27 -23.93 15.54
CA SER C 23 -0.50 -25.36 15.37
C SER C 23 -1.20 -25.57 14.03
N PRO C 24 -1.31 -26.81 13.54
CA PRO C 24 -2.20 -27.05 12.40
C PRO C 24 -3.66 -26.76 12.73
N ALA C 25 -4.45 -26.60 11.67
CA ALA C 25 -5.83 -26.15 11.82
C ALA C 25 -6.67 -27.29 12.40
N ILE C 26 -6.82 -27.28 13.72
CA ILE C 26 -7.42 -28.40 14.42
C ILE C 26 -8.94 -28.26 14.37
N ASN C 27 -9.57 -29.17 13.62
CA ASN C 27 -11.04 -29.36 13.60
C ASN C 27 -11.78 -28.10 13.19
N VAL C 28 -11.39 -27.53 12.06
CA VAL C 28 -11.96 -26.25 11.66
C VAL C 28 -13.35 -26.47 11.11
N ALA C 29 -14.35 -25.90 11.78
CA ALA C 29 -15.69 -25.87 11.22
C ALA C 29 -15.71 -24.93 10.02
N VAL C 30 -16.21 -25.44 8.90
CA VAL C 30 -15.93 -24.89 7.58
C VAL C 30 -17.20 -24.25 7.02
N HIS C 31 -17.10 -23.01 6.57
CA HIS C 31 -18.10 -22.38 5.72
C HIS C 31 -17.44 -22.00 4.40
N VAL C 32 -17.94 -22.56 3.32
CA VAL C 32 -17.36 -22.39 1.99
C VAL C 32 -17.96 -21.16 1.33
N PHE C 33 -17.10 -20.27 0.84
CA PHE C 33 -17.56 -19.01 0.26
C PHE C 33 -17.13 -18.95 -1.20
N ARG C 34 -17.92 -18.22 -1.99
CA ARG C 34 -17.78 -18.19 -3.45
C ARG C 34 -17.63 -16.75 -3.93
N LYS C 35 -16.54 -16.49 -4.66
CA LYS C 35 -16.24 -15.15 -5.15
C LYS C 35 -17.19 -14.77 -6.28
N ALA C 36 -17.83 -13.61 -6.17
CA ALA C 36 -18.71 -13.10 -7.20
C ALA C 36 -18.02 -11.95 -7.94
N ALA C 37 -18.73 -11.32 -8.88
CA ALA C 37 -18.14 -10.24 -9.66
C ALA C 37 -18.13 -8.93 -8.90
N ASP C 38 -19.04 -8.75 -7.95
CA ASP C 38 -19.08 -7.57 -7.09
C ASP C 38 -18.37 -7.85 -5.76
N ASP C 39 -17.43 -8.80 -5.80
CA ASP C 39 -16.39 -9.11 -4.82
C ASP C 39 -16.88 -9.78 -3.56
N THR C 40 -18.19 -9.88 -3.34
CA THR C 40 -18.73 -10.44 -2.10
C THR C 40 -18.93 -11.94 -2.25
N TRP C 41 -18.99 -12.62 -1.11
CA TRP C 41 -18.99 -14.07 -1.05
C TRP C 41 -20.17 -14.52 -0.21
N GLU C 42 -20.73 -15.69 -0.53
CA GLU C 42 -21.88 -16.28 0.12
C GLU C 42 -21.53 -17.66 0.69
N PRO C 43 -22.10 -18.05 1.83
CA PRO C 43 -21.78 -19.37 2.39
C PRO C 43 -22.39 -20.51 1.59
N PHE C 44 -21.78 -21.70 1.70
CA PHE C 44 -22.23 -22.89 0.98
C PHE C 44 -22.71 -23.99 1.90
N ALA C 45 -21.88 -24.48 2.83
CA ALA C 45 -22.24 -25.65 3.64
C ALA C 45 -21.43 -25.63 4.93
N SER C 46 -21.47 -26.75 5.66
CA SER C 46 -20.88 -26.83 6.98
C SER C 46 -20.15 -28.16 7.14
N GLY C 47 -19.19 -28.16 8.06
CA GLY C 47 -18.35 -29.33 8.28
C GLY C 47 -17.47 -29.10 9.50
N LYS C 48 -16.42 -29.93 9.61
CA LYS C 48 -15.39 -29.77 10.64
C LYS C 48 -14.15 -30.54 10.18
N THR C 49 -13.00 -29.86 10.11
CA THR C 49 -11.81 -30.45 9.51
C THR C 49 -11.16 -31.48 10.43
N SER C 50 -9.98 -31.91 10.01
CA SER C 50 -9.12 -32.76 10.82
C SER C 50 -8.26 -31.89 11.73
N GLU C 51 -7.29 -32.52 12.39
CA GLU C 51 -6.31 -31.76 13.16
C GLU C 51 -5.40 -30.96 12.24
N SER C 52 -5.11 -31.49 11.06
CA SER C 52 -4.26 -30.82 10.08
C SER C 52 -5.04 -29.96 9.10
N GLY C 53 -6.30 -29.65 9.40
CA GLY C 53 -7.07 -28.76 8.56
C GLY C 53 -7.73 -29.39 7.39
N GLU C 54 -7.92 -30.70 7.40
CA GLU C 54 -8.41 -31.41 6.23
C GLU C 54 -9.86 -31.84 6.42
N LEU C 55 -10.71 -31.41 5.48
CA LEU C 55 -12.13 -31.75 5.44
C LEU C 55 -12.47 -32.16 4.02
N HIS C 56 -13.11 -33.32 3.90
CA HIS C 56 -13.42 -33.91 2.61
C HIS C 56 -14.83 -34.48 2.66
N GLY C 57 -15.41 -34.68 1.47
CA GLY C 57 -16.70 -35.30 1.40
C GLY C 57 -17.87 -34.44 1.83
N LEU C 58 -17.82 -33.14 1.56
CA LEU C 58 -19.01 -32.32 1.75
C LEU C 58 -20.11 -32.72 0.77
N THR C 59 -19.74 -32.96 -0.48
CA THR C 59 -20.62 -33.58 -1.47
C THR C 59 -19.85 -34.73 -2.10
N THR C 60 -20.46 -35.37 -3.10
CA THR C 60 -19.81 -36.42 -3.89
C THR C 60 -18.74 -35.78 -4.75
N GLU C 61 -17.59 -36.47 -4.90
CA GLU C 61 -16.41 -35.84 -5.49
C GLU C 61 -16.60 -35.49 -6.96
N GLU C 62 -17.25 -36.37 -7.72
CA GLU C 62 -17.41 -36.13 -9.15
C GLU C 62 -18.82 -35.64 -9.50
N GLU C 63 -19.82 -35.97 -8.68
CA GLU C 63 -21.17 -35.46 -8.92
C GLU C 63 -21.26 -33.97 -8.60
N PHE C 64 -20.40 -33.46 -7.73
CA PHE C 64 -20.30 -32.02 -7.49
C PHE C 64 -19.78 -31.36 -8.76
N VAL C 65 -20.60 -30.50 -9.34
CA VAL C 65 -20.22 -29.77 -10.54
C VAL C 65 -19.19 -28.70 -10.19
N GLU C 66 -18.25 -28.48 -11.10
CA GLU C 66 -17.15 -27.56 -10.84
C GLU C 66 -17.63 -26.12 -10.88
N GLY C 67 -16.82 -25.23 -10.31
CA GLY C 67 -17.14 -23.82 -10.30
C GLY C 67 -16.26 -23.08 -9.30
N ILE C 68 -16.76 -21.92 -8.88
CA ILE C 68 -16.08 -21.10 -7.89
C ILE C 68 -16.44 -21.69 -6.53
N TYR C 69 -15.67 -22.69 -6.11
CA TYR C 69 -15.92 -23.37 -4.85
C TYR C 69 -14.58 -23.69 -4.20
N LYS C 70 -14.63 -24.09 -2.94
CA LYS C 70 -13.50 -23.90 -2.03
C LYS C 70 -13.57 -24.92 -0.91
N VAL C 71 -12.41 -25.21 -0.31
CA VAL C 71 -12.38 -25.84 1.01
C VAL C 71 -11.76 -24.81 1.94
N GLU C 72 -12.58 -23.95 2.52
CA GLU C 72 -12.09 -22.78 3.23
C GLU C 72 -11.89 -23.11 4.71
N ILE C 73 -10.78 -22.66 5.27
CA ILE C 73 -10.56 -22.70 6.71
C ILE C 73 -11.15 -21.40 7.27
N ASP C 74 -12.46 -21.43 7.57
CA ASP C 74 -13.25 -20.20 7.77
C ASP C 74 -13.06 -19.67 9.19
N THR C 75 -12.81 -18.37 9.28
CA THR C 75 -12.60 -17.77 10.59
C THR C 75 -13.92 -17.57 11.33
N LYS C 76 -15.01 -17.36 10.60
CA LYS C 76 -16.27 -17.02 11.24
C LYS C 76 -16.87 -18.19 12.01
N SER C 77 -16.89 -19.38 11.43
CA SER C 77 -17.57 -20.50 12.06
C SER C 77 -16.66 -21.35 12.93
N TYR C 78 -15.35 -21.37 12.64
CA TYR C 78 -14.44 -22.13 13.49
C TYR C 78 -14.21 -21.42 14.81
N TRP C 79 -13.84 -20.14 14.75
CA TRP C 79 -13.53 -19.41 15.97
C TRP C 79 -14.77 -19.09 16.79
N LYS C 80 -15.97 -19.29 16.24
CA LYS C 80 -17.18 -19.27 17.04
C LYS C 80 -17.22 -20.42 18.04
N ALA C 81 -16.65 -21.57 17.67
CA ALA C 81 -16.61 -22.71 18.58
C ALA C 81 -15.68 -22.49 19.76
N LEU C 82 -14.76 -21.53 19.65
CA LEU C 82 -13.88 -21.16 20.75
C LEU C 82 -14.37 -19.92 21.51
N GLY C 83 -15.43 -19.28 21.05
CA GLY C 83 -16.03 -18.18 21.77
C GLY C 83 -15.39 -16.83 21.57
N ILE C 84 -14.46 -16.69 20.63
CA ILE C 84 -13.84 -15.41 20.31
C ILE C 84 -14.44 -14.87 19.03
N SER C 85 -14.49 -13.53 18.94
CA SER C 85 -15.21 -12.87 17.86
C SER C 85 -14.35 -12.83 16.61
N PRO C 86 -14.83 -13.35 15.47
CA PRO C 86 -14.11 -13.23 14.21
C PRO C 86 -14.60 -12.01 13.43
N PHE C 87 -13.87 -11.68 12.37
CA PHE C 87 -14.31 -10.64 11.44
C PHE C 87 -14.40 -11.14 10.00
N HIS C 88 -13.48 -11.97 9.56
CA HIS C 88 -13.49 -12.42 8.17
C HIS C 88 -14.35 -13.67 8.03
N GLU C 89 -15.65 -13.47 7.83
CA GLU C 89 -16.48 -14.51 7.26
C GLU C 89 -16.09 -14.78 5.82
N HIS C 90 -15.69 -13.75 5.10
CA HIS C 90 -14.92 -13.88 3.87
C HIS C 90 -14.11 -12.61 3.71
N ALA C 91 -13.26 -12.59 2.70
CA ALA C 91 -12.40 -11.45 2.42
C ALA C 91 -12.47 -11.12 0.94
N GLU C 92 -12.80 -9.87 0.65
CA GLU C 92 -12.90 -9.40 -0.73
C GLU C 92 -11.50 -9.16 -1.29
N VAL C 93 -10.83 -10.24 -1.71
CA VAL C 93 -9.51 -10.15 -2.33
C VAL C 93 -9.60 -10.77 -3.72
N VAL C 94 -8.68 -10.36 -4.59
CA VAL C 94 -8.58 -10.87 -5.95
C VAL C 94 -7.74 -12.14 -5.94
N PHE C 95 -7.99 -13.03 -6.88
CA PHE C 95 -7.18 -14.22 -7.08
C PHE C 95 -7.20 -14.57 -8.56
N THR C 96 -6.04 -14.95 -9.07
CA THR C 96 -5.89 -15.26 -10.48
C THR C 96 -5.31 -16.66 -10.63
N ALA C 97 -5.78 -17.38 -11.66
CA ALA C 97 -5.34 -18.73 -11.95
C ALA C 97 -5.59 -19.06 -13.41
N ASN C 98 -5.03 -20.19 -13.85
CA ASN C 98 -5.37 -20.88 -15.10
C ASN C 98 -5.14 -20.00 -16.34
N ASP C 99 -3.87 -19.65 -16.57
CA ASP C 99 -3.50 -19.01 -17.81
C ASP C 99 -3.22 -20.04 -18.91
N SER C 100 -2.48 -21.09 -18.59
CA SER C 100 -2.17 -22.13 -19.55
C SER C 100 -2.19 -23.51 -18.90
N GLY C 101 -3.18 -23.75 -18.03
CA GLY C 101 -3.34 -25.06 -17.45
C GLY C 101 -3.49 -25.06 -15.95
N PRO C 102 -4.25 -26.03 -15.42
CA PRO C 102 -4.55 -26.05 -13.98
C PRO C 102 -3.47 -26.76 -13.18
N ARG C 103 -3.24 -26.27 -11.97
CA ARG C 103 -2.34 -26.90 -11.00
C ARG C 103 -3.10 -27.20 -9.72
N ARG C 104 -2.39 -27.75 -8.74
CA ARG C 104 -2.97 -28.21 -7.48
C ARG C 104 -2.47 -27.33 -6.33
N TYR C 105 -3.21 -26.28 -6.02
CA TYR C 105 -3.14 -25.63 -4.72
C TYR C 105 -4.51 -25.09 -4.34
N THR C 106 -5.03 -25.58 -3.22
CA THR C 106 -6.36 -25.25 -2.74
C THR C 106 -6.19 -24.31 -1.54
N ILE C 107 -7.18 -23.44 -1.31
CA ILE C 107 -7.05 -22.36 -0.33
C ILE C 107 -7.26 -22.88 1.09
N ALA C 108 -6.16 -23.28 1.74
CA ALA C 108 -6.16 -23.57 3.16
C ALA C 108 -5.81 -22.30 3.91
N ALA C 109 -6.80 -21.73 4.58
CA ALA C 109 -6.71 -20.35 5.03
C ALA C 109 -5.90 -20.25 6.32
N LEU C 110 -5.32 -19.07 6.55
CA LEU C 110 -4.64 -18.76 7.81
C LEU C 110 -5.66 -18.71 8.93
N LEU C 111 -5.49 -19.59 9.90
CA LEU C 111 -6.25 -19.45 11.13
C LEU C 111 -5.78 -18.23 11.89
N SER C 112 -6.44 -17.11 11.67
CA SER C 112 -6.41 -16.00 12.59
C SER C 112 -7.86 -15.78 12.98
N PRO C 113 -8.12 -15.22 14.17
CA PRO C 113 -9.52 -15.01 14.58
C PRO C 113 -10.28 -14.05 13.69
N TYR C 114 -9.80 -12.83 13.52
CA TYR C 114 -10.53 -11.83 12.75
C TYR C 114 -10.26 -11.93 11.26
N SER C 115 -9.21 -12.64 10.83
CA SER C 115 -8.84 -12.55 9.43
C SER C 115 -8.27 -13.86 8.95
N TYR C 116 -7.98 -13.92 7.66
CA TYR C 116 -7.28 -15.05 7.08
C TYR C 116 -6.50 -14.64 5.85
N SER C 117 -5.24 -15.05 5.81
CA SER C 117 -4.49 -15.24 4.58
C SER C 117 -4.55 -16.74 4.28
N THR C 118 -3.71 -17.20 3.37
CA THR C 118 -3.71 -18.61 2.99
C THR C 118 -2.43 -19.28 3.49
N THR C 119 -2.58 -20.33 4.28
CA THR C 119 -1.45 -21.04 4.86
C THR C 119 -1.39 -22.49 4.40
N ALA C 120 -0.27 -22.85 3.75
CA ALA C 120 -0.01 -24.20 3.27
C ALA C 120 1.47 -24.36 2.97
N VAL C 121 1.98 -25.56 3.19
CA VAL C 121 3.32 -25.97 2.76
C VAL C 121 3.26 -26.19 1.25
N VAL C 122 4.01 -25.39 0.51
CA VAL C 122 3.84 -25.29 -0.94
C VAL C 122 4.48 -26.49 -1.63
N THR C 123 3.80 -27.01 -2.65
CA THR C 123 4.28 -28.14 -3.44
C THR C 123 4.47 -27.72 -4.90
N ASN C 124 5.45 -28.35 -5.57
CA ASN C 124 5.85 -28.08 -6.95
C ASN C 124 4.81 -28.62 -7.94
N PRO C 125 4.85 -28.17 -9.20
CA PRO C 125 3.98 -28.79 -10.23
C PRO C 125 4.32 -30.26 -10.45
N LYS C 126 3.37 -31.13 -10.10
CA LYS C 126 3.60 -32.55 -9.96
C LYS C 126 2.29 -33.25 -10.29
N GLU C 127 2.33 -34.33 -11.07
CA GLU C 127 1.13 -35.10 -11.33
C GLU C 127 1.20 -36.42 -10.59
#